data_2XD9
#
_entry.id   2XD9
#
_cell.length_a   100.217
_cell.length_b   100.217
_cell.length_c   103.934
_cell.angle_alpha   90.00
_cell.angle_beta   90.00
_cell.angle_gamma   90.00
#
_symmetry.space_group_name_H-M   'P 42 2 2'
#
loop_
_entity.id
_entity.type
_entity.pdbx_description
1 polymer '3-DEHYDROQUINATE DEHYDRATASE'
2 non-polymer '(4R,6R,7S)-4,6,7-TRIHYDROXY-2-[(1E)-PROP-1-EN-1-YL]-4,5,6,7-TETRAHYDRO-1-BENZOTHIOPHENE-4-CARBOXYLIC ACID'
3 water water
#
_entity_poly.entity_id   1
_entity_poly.type   'polypeptide(L)'
_entity_poly.pdbx_seq_one_letter_code
;MKILVIQGPNLNMLGHRDPRLYGMVTLDQIHEIMQTFVKQGNLDVELEFFQTNFEGEIIDKIQESVGSDYEGIIINPGAF
SHTSIAIADAIMLAGKPVIEVHLTNIQAREEFRKNSYTGAACGGVIMGFGPLGYNMALMAMVNILAEMKAFQEAQKNNPN
NPINNQK
;
_entity_poly.pdbx_strand_id   A,B,C
#
# COMPACT_ATOMS: atom_id res chain seq x y z
N MET A 1 -4.22 -28.42 -14.39
CA MET A 1 -3.56 -27.09 -14.41
C MET A 1 -3.90 -26.32 -13.14
N LYS A 2 -2.94 -25.55 -12.64
CA LYS A 2 -3.11 -24.79 -11.39
C LYS A 2 -3.54 -23.36 -11.68
N ILE A 3 -4.68 -22.97 -11.10
CA ILE A 3 -5.21 -21.62 -11.24
C ILE A 3 -5.25 -20.97 -9.86
N LEU A 4 -4.60 -19.82 -9.75
CA LEU A 4 -4.50 -19.06 -8.51
C LEU A 4 -5.63 -18.02 -8.47
N VAL A 5 -6.43 -18.05 -7.40
CA VAL A 5 -7.50 -17.09 -7.21
C VAL A 5 -7.04 -16.12 -6.12
N ILE A 6 -6.76 -14.87 -6.52
CA ILE A 6 -6.34 -13.83 -5.57
C ILE A 6 -7.50 -12.87 -5.27
N GLN A 7 -7.80 -12.69 -3.98
CA GLN A 7 -8.89 -11.84 -3.54
C GLN A 7 -8.27 -10.71 -2.73
N GLY A 8 -8.57 -9.47 -3.09
CA GLY A 8 -7.92 -8.32 -2.49
C GLY A 8 -8.55 -7.77 -1.22
N PRO A 9 -8.22 -6.50 -0.90
CA PRO A 9 -8.60 -6.02 0.42
C PRO A 9 -10.11 -5.94 0.59
N ASN A 10 -10.56 -6.19 1.82
CA ASN A 10 -11.97 -6.18 2.24
C ASN A 10 -12.81 -7.36 1.78
N LEU A 11 -12.35 -8.13 0.78
CA LEU A 11 -13.15 -9.28 0.26
C LEU A 11 -13.46 -10.35 1.32
N ASN A 12 -12.54 -10.56 2.25
CA ASN A 12 -12.81 -11.48 3.36
C ASN A 12 -14.05 -11.08 4.17
N MET A 13 -14.48 -9.82 4.11
CA MET A 13 -15.71 -9.43 4.78
C MET A 13 -17.00 -9.68 3.98
N LEU A 14 -16.90 -10.27 2.78
CA LEU A 14 -18.10 -10.61 2.03
C LEU A 14 -19.13 -11.39 2.86
N GLY A 15 -20.39 -11.08 2.60
CA GLY A 15 -21.50 -11.75 3.23
C GLY A 15 -21.72 -11.35 4.67
N HIS A 16 -20.69 -10.77 5.30
CA HIS A 16 -20.72 -10.40 6.70
C HIS A 16 -21.04 -8.91 6.87
N ARG A 17 -20.70 -8.11 5.86
CA ARG A 17 -20.92 -6.66 5.89
C ARG A 17 -21.55 -6.18 4.61
N ASP A 18 -22.38 -5.16 4.75
CA ASP A 18 -23.04 -4.52 3.62
C ASP A 18 -23.55 -5.53 2.60
N PRO A 19 -24.45 -6.43 3.03
CA PRO A 19 -25.05 -7.42 2.15
C PRO A 19 -25.71 -6.76 0.96
N ARG A 20 -26.36 -5.63 1.22
CA ARG A 20 -27.09 -4.90 0.19
C ARG A 20 -26.22 -4.56 -1.04
N LEU A 21 -25.00 -4.10 -0.79
CA LEU A 21 -24.07 -3.74 -1.88
C LEU A 21 -23.29 -4.95 -2.49
N TYR A 22 -22.77 -5.85 -1.65
CA TYR A 22 -21.90 -6.94 -2.15
C TYR A 22 -22.46 -8.38 -2.03
N GLY A 23 -23.63 -8.52 -1.39
CA GLY A 23 -24.34 -9.80 -1.35
C GLY A 23 -24.20 -10.57 -0.04
N MET A 24 -24.95 -11.68 0.04
CA MET A 24 -24.98 -12.53 1.25
C MET A 24 -24.02 -13.71 1.16
N VAL A 25 -23.51 -13.99 -0.02
CA VAL A 25 -22.64 -15.13 -0.24
C VAL A 25 -21.22 -14.73 0.19
N THR A 26 -20.64 -15.54 1.07
CA THR A 26 -19.34 -15.22 1.65
C THR A 26 -18.23 -15.65 0.71
N LEU A 27 -17.02 -15.17 1.01
CA LEU A 27 -15.87 -15.50 0.20
C LEU A 27 -15.58 -17.01 0.21
N ASP A 28 -15.64 -17.60 1.39
CA ASP A 28 -15.49 -19.06 1.52
C ASP A 28 -16.55 -19.79 0.70
N GLN A 29 -17.76 -19.23 0.58
CA GLN A 29 -18.80 -19.86 -0.22
C GLN A 29 -18.55 -19.73 -1.72
N ILE A 30 -18.00 -18.61 -2.17
CA ILE A 30 -17.67 -18.42 -3.58
C ILE A 30 -16.61 -19.44 -4.01
N HIS A 31 -15.62 -19.64 -3.15
CA HIS A 31 -14.53 -20.56 -3.45
C HIS A 31 -15.00 -22.02 -3.53
N GLU A 32 -15.98 -22.40 -2.69
CA GLU A 32 -16.58 -23.75 -2.79
C GLU A 32 -17.41 -23.92 -4.06
N ILE A 33 -18.15 -22.88 -4.45
CA ILE A 33 -18.83 -22.83 -5.75
C ILE A 33 -17.87 -22.95 -6.94
N MET A 34 -16.69 -22.33 -6.85
CA MET A 34 -15.71 -22.48 -7.90
C MET A 34 -15.20 -23.96 -7.97
N GLN A 35 -14.95 -24.56 -6.80
CA GLN A 35 -14.48 -25.94 -6.73
C GLN A 35 -15.56 -26.90 -7.24
N THR A 36 -16.83 -26.63 -6.95
CA THR A 36 -17.91 -27.46 -7.45
C THR A 36 -18.05 -27.30 -8.96
N PHE A 37 -17.77 -26.10 -9.49
CA PHE A 37 -17.75 -25.86 -10.93
C PHE A 37 -16.73 -26.75 -11.63
N VAL A 38 -15.55 -26.86 -11.03
CA VAL A 38 -14.49 -27.70 -11.55
C VAL A 38 -14.92 -29.18 -11.50
N LYS A 39 -15.33 -29.62 -10.31
CA LYS A 39 -15.69 -31.02 -10.04
C LYS A 39 -16.74 -31.51 -11.02
N GLN A 40 -17.75 -30.69 -11.23
CA GLN A 40 -18.90 -31.03 -12.05
C GLN A 40 -18.51 -31.03 -13.52
N GLY A 41 -17.71 -30.04 -13.91
CA GLY A 41 -17.16 -30.01 -15.26
C GLY A 41 -16.10 -31.07 -15.56
N ASN A 42 -15.59 -31.74 -14.52
CA ASN A 42 -14.40 -32.60 -14.66
C ASN A 42 -13.28 -31.83 -15.38
N LEU A 43 -12.99 -30.63 -14.88
CA LEU A 43 -11.91 -29.81 -15.45
C LEU A 43 -10.62 -30.22 -14.78
N ASP A 44 -9.53 -30.21 -15.55
CA ASP A 44 -8.21 -30.56 -15.02
C ASP A 44 -7.63 -29.28 -14.47
N VAL A 45 -8.21 -28.84 -13.36
CA VAL A 45 -7.86 -27.58 -12.72
C VAL A 45 -7.67 -27.82 -11.23
N GLU A 46 -6.53 -27.37 -10.70
CA GLU A 46 -6.33 -27.29 -9.27
C GLU A 46 -6.38 -25.80 -8.89
N LEU A 47 -7.35 -25.43 -8.05
CA LEU A 47 -7.48 -24.04 -7.58
C LEU A 47 -6.69 -23.81 -6.30
N GLU A 48 -6.01 -22.66 -6.21
CA GLU A 48 -5.48 -22.17 -4.94
C GLU A 48 -6.10 -20.83 -4.61
N PHE A 49 -6.60 -20.66 -3.38
CA PHE A 49 -7.27 -19.41 -2.95
C PHE A 49 -6.38 -18.62 -2.02
N PHE A 50 -6.31 -17.31 -2.26
CA PHE A 50 -5.48 -16.45 -1.43
C PHE A 50 -6.17 -15.09 -1.26
N GLN A 51 -6.48 -14.69 -0.05
CA GLN A 51 -7.00 -13.33 0.20
C GLN A 51 -6.01 -12.59 1.08
N THR A 52 -5.90 -11.28 0.85
CA THR A 52 -5.07 -10.42 1.63
C THR A 52 -5.54 -8.94 1.47
N ASN A 53 -5.29 -8.17 2.52
CA ASN A 53 -5.50 -6.71 2.57
C ASN A 53 -4.21 -5.95 2.31
N PHE A 54 -3.13 -6.69 2.00
CA PHE A 54 -1.80 -6.13 1.71
C PHE A 54 -1.44 -6.10 0.21
N GLU A 55 -1.14 -4.91 -0.29
CA GLU A 55 -0.66 -4.75 -1.66
C GLU A 55 0.58 -5.62 -1.90
N GLY A 56 1.51 -5.59 -0.94
CA GLY A 56 2.80 -6.28 -1.07
C GLY A 56 2.64 -7.80 -1.11
N GLU A 57 1.64 -8.32 -0.41
CA GLU A 57 1.35 -9.76 -0.43
C GLU A 57 0.78 -10.19 -1.74
N ILE A 58 -0.05 -9.34 -2.36
CA ILE A 58 -0.55 -9.62 -3.69
C ILE A 58 0.59 -9.69 -4.68
N ILE A 59 1.50 -8.72 -4.62
CA ILE A 59 2.59 -8.66 -5.57
C ILE A 59 3.51 -9.90 -5.38
N ASP A 60 3.83 -10.22 -4.12
CA ASP A 60 4.66 -11.38 -3.80
C ASP A 60 4.02 -12.65 -4.37
N LYS A 61 2.70 -12.74 -4.27
CA LYS A 61 1.99 -13.94 -4.76
C LYS A 61 2.04 -14.07 -6.27
N ILE A 62 1.81 -12.94 -6.96
CA ILE A 62 1.89 -12.88 -8.41
C ILE A 62 3.28 -13.30 -8.90
N GLN A 63 4.33 -12.82 -8.24
CA GLN A 63 5.70 -13.16 -8.58
C GLN A 63 6.00 -14.65 -8.37
N GLU A 64 5.32 -15.26 -7.41
CA GLU A 64 5.44 -16.69 -7.12
C GLU A 64 4.82 -17.56 -8.24
N SER A 65 4.00 -16.94 -9.10
CA SER A 65 3.44 -17.56 -10.32
C SER A 65 4.51 -17.64 -11.45
N VAL A 66 5.77 -17.39 -11.06
CA VAL A 66 6.93 -17.57 -11.93
C VAL A 66 7.15 -19.04 -12.29
N GLY A 67 7.39 -19.85 -11.27
CA GLY A 67 7.72 -21.27 -11.45
C GLY A 67 6.61 -21.98 -12.20
N SER A 68 6.98 -22.98 -13.02
CA SER A 68 5.98 -23.76 -13.77
C SER A 68 5.11 -24.63 -12.81
N ASP A 69 4.42 -23.94 -11.90
CA ASP A 69 3.40 -24.53 -11.04
C ASP A 69 2.01 -23.92 -11.37
N TYR A 70 1.88 -22.59 -11.38
CA TYR A 70 0.60 -21.92 -11.70
C TYR A 70 0.56 -21.41 -13.13
N GLU A 71 -0.53 -21.71 -13.84
CA GLU A 71 -0.68 -21.37 -15.26
C GLU A 71 -1.48 -20.08 -15.48
N GLY A 72 -2.36 -19.75 -14.55
CA GLY A 72 -3.20 -18.57 -14.69
C GLY A 72 -3.69 -18.02 -13.39
N ILE A 73 -4.05 -16.73 -13.40
CA ILE A 73 -4.53 -16.05 -12.21
C ILE A 73 -5.90 -15.42 -12.44
N ILE A 74 -6.77 -15.55 -11.46
CA ILE A 74 -8.06 -14.87 -11.47
C ILE A 74 -8.02 -13.94 -10.28
N ILE A 75 -8.13 -12.65 -10.55
CA ILE A 75 -7.91 -11.67 -9.50
C ILE A 75 -9.05 -10.68 -9.30
N ASN A 76 -9.46 -10.50 -8.05
CA ASN A 76 -10.26 -9.33 -7.66
C ASN A 76 -9.41 -8.44 -6.75
N PRO A 77 -8.73 -7.44 -7.31
CA PRO A 77 -7.83 -6.59 -6.50
C PRO A 77 -8.54 -5.64 -5.54
N GLY A 78 -9.86 -5.64 -5.53
CA GLY A 78 -10.59 -4.73 -4.67
C GLY A 78 -10.27 -3.28 -5.02
N ALA A 79 -10.18 -2.45 -3.99
CA ALA A 79 -9.92 -1.03 -4.15
C ALA A 79 -8.52 -0.75 -4.74
N PHE A 80 -7.59 -1.70 -4.63
CA PHE A 80 -6.28 -1.56 -5.27
C PHE A 80 -6.36 -1.56 -6.76
N SER A 81 -7.50 -1.98 -7.31
CA SER A 81 -7.71 -1.91 -8.73
C SER A 81 -7.53 -0.47 -9.22
N HIS A 82 -8.03 0.47 -8.43
CA HIS A 82 -8.12 1.85 -8.84
C HIS A 82 -6.86 2.66 -8.58
N THR A 83 -5.96 2.13 -7.75
CA THR A 83 -4.85 2.91 -7.20
C THR A 83 -3.50 2.27 -7.46
N SER A 84 -3.44 0.94 -7.60
CA SER A 84 -2.13 0.24 -7.57
C SER A 84 -1.54 0.10 -8.96
N ILE A 85 -0.67 1.04 -9.33
CA ILE A 85 0.19 0.87 -10.49
C ILE A 85 1.17 -0.29 -10.20
N ALA A 86 1.51 -0.55 -8.94
CA ALA A 86 2.50 -1.58 -8.60
C ALA A 86 1.96 -3.01 -8.91
N ILE A 87 0.69 -3.26 -8.59
CA ILE A 87 0.04 -4.55 -8.96
C ILE A 87 -0.14 -4.65 -10.48
N ALA A 88 -0.48 -3.55 -11.13
CA ALA A 88 -0.62 -3.54 -12.58
C ALA A 88 0.71 -3.93 -13.23
N ASP A 89 1.81 -3.34 -12.74
CA ASP A 89 3.15 -3.72 -13.26
C ASP A 89 3.49 -5.20 -12.99
N ALA A 90 3.16 -5.70 -11.80
CA ALA A 90 3.37 -7.10 -11.46
C ALA A 90 2.60 -8.02 -12.42
N ILE A 91 1.35 -7.67 -12.70
CA ILE A 91 0.55 -8.38 -13.73
C ILE A 91 1.20 -8.36 -15.11
N MET A 92 1.66 -7.19 -15.56
CA MET A 92 2.33 -7.08 -16.85
C MET A 92 3.58 -7.95 -16.91
N LEU A 93 4.29 -8.01 -15.79
CA LEU A 93 5.59 -8.67 -15.73
C LEU A 93 5.43 -10.18 -15.64
N ALA A 94 4.25 -10.64 -15.25
CA ALA A 94 4.02 -12.05 -14.92
C ALA A 94 4.08 -12.90 -16.17
N GLY A 95 3.59 -12.35 -17.27
CA GLY A 95 3.58 -13.05 -18.56
C GLY A 95 2.81 -14.38 -18.54
N LYS A 96 1.82 -14.49 -17.65
CA LYS A 96 0.81 -15.56 -17.67
C LYS A 96 -0.55 -14.88 -17.75
N PRO A 97 -1.58 -15.59 -18.24
CA PRO A 97 -2.87 -14.93 -18.37
C PRO A 97 -3.49 -14.58 -17.02
N VAL A 98 -4.01 -13.35 -16.93
CA VAL A 98 -4.63 -12.85 -15.70
C VAL A 98 -5.98 -12.26 -16.10
N ILE A 99 -7.00 -12.62 -15.35
CA ILE A 99 -8.38 -12.16 -15.54
C ILE A 99 -8.81 -11.43 -14.31
N GLU A 100 -9.43 -10.27 -14.52
CA GLU A 100 -9.87 -9.43 -13.42
C GLU A 100 -11.35 -9.61 -13.23
N VAL A 101 -11.79 -9.74 -11.97
CA VAL A 101 -13.20 -9.85 -11.64
C VAL A 101 -13.63 -8.83 -10.63
N HIS A 102 -14.75 -8.16 -10.90
CA HIS A 102 -15.42 -7.35 -9.90
C HIS A 102 -16.85 -7.82 -9.71
N LEU A 103 -17.24 -7.88 -8.46
CA LEU A 103 -18.58 -8.23 -8.10
C LEU A 103 -19.55 -7.22 -8.61
N THR A 104 -19.20 -5.96 -8.45
CA THR A 104 -20.08 -4.86 -8.87
C THR A 104 -19.62 -4.29 -10.22
N ASN A 105 -20.49 -3.53 -10.86
CA ASN A 105 -20.17 -2.80 -12.07
C ASN A 105 -19.47 -1.49 -11.69
N ILE A 106 -18.14 -1.47 -11.84
CA ILE A 106 -17.36 -0.32 -11.43
C ILE A 106 -17.44 0.84 -12.39
N GLN A 107 -18.18 0.67 -13.48
CA GLN A 107 -18.57 1.78 -14.34
C GLN A 107 -19.80 2.52 -13.76
N ALA A 108 -20.54 1.92 -12.85
CA ALA A 108 -21.85 2.45 -12.40
C ALA A 108 -21.83 2.94 -10.96
N ARG A 109 -20.66 3.28 -10.43
CA ARG A 109 -20.55 3.63 -9.01
C ARG A 109 -19.81 4.99 -8.93
N GLU A 110 -19.06 5.25 -7.88
CA GLU A 110 -18.33 6.53 -7.77
C GLU A 110 -17.33 6.73 -8.92
N GLU A 111 -17.03 7.99 -9.23
CA GLU A 111 -16.15 8.30 -10.32
C GLU A 111 -14.76 7.70 -10.00
N PHE A 112 -14.41 7.61 -8.72
CA PHE A 112 -13.05 7.16 -8.33
C PHE A 112 -12.84 5.63 -8.56
N ARG A 113 -13.92 4.91 -8.83
CA ARG A 113 -13.84 3.46 -9.13
C ARG A 113 -13.69 3.14 -10.61
N LYS A 114 -13.83 4.14 -11.46
CA LYS A 114 -13.84 3.92 -12.89
C LYS A 114 -12.48 3.51 -13.45
N ASN A 115 -11.40 4.08 -12.93
CA ASN A 115 -10.08 3.71 -13.41
C ASN A 115 -9.71 2.37 -12.82
N SER A 116 -9.18 1.48 -13.65
CA SER A 116 -8.59 0.25 -13.16
C SER A 116 -7.25 0.07 -13.78
N TYR A 117 -6.21 0.47 -13.06
CA TYR A 117 -4.84 0.23 -13.53
C TYR A 117 -4.60 -1.27 -13.80
N THR A 118 -5.01 -2.09 -12.85
CA THR A 118 -4.87 -3.56 -12.95
C THR A 118 -5.62 -4.17 -14.09
N GLY A 119 -6.86 -3.73 -14.28
CA GLY A 119 -7.73 -4.29 -15.29
C GLY A 119 -7.20 -4.02 -16.69
N ALA A 120 -6.63 -2.83 -16.87
CA ALA A 120 -5.95 -2.48 -18.11
C ALA A 120 -4.76 -3.40 -18.38
N ALA A 121 -4.14 -3.94 -17.35
CA ALA A 121 -2.96 -4.85 -17.47
C ALA A 121 -3.40 -6.30 -17.75
N CYS A 122 -4.63 -6.60 -17.39
CA CYS A 122 -5.18 -7.95 -17.58
C CYS A 122 -5.68 -8.14 -19.00
N GLY A 123 -5.69 -9.39 -19.45
CA GLY A 123 -6.26 -9.72 -20.75
C GLY A 123 -7.76 -9.48 -20.83
N GLY A 124 -8.46 -9.69 -19.73
CA GLY A 124 -9.91 -9.54 -19.72
C GLY A 124 -10.43 -9.11 -18.36
N VAL A 125 -11.61 -8.48 -18.40
CA VAL A 125 -12.26 -7.99 -17.21
C VAL A 125 -13.72 -8.42 -17.22
N ILE A 126 -14.21 -8.83 -16.06
CA ILE A 126 -15.59 -9.21 -15.85
C ILE A 126 -16.09 -8.44 -14.63
N MET A 127 -17.25 -7.78 -14.76
CA MET A 127 -17.76 -6.97 -13.68
C MET A 127 -19.28 -6.94 -13.63
N GLY A 128 -19.81 -6.94 -12.42
CA GLY A 128 -21.22 -6.72 -12.13
C GLY A 128 -22.09 -7.96 -12.09
N PHE A 129 -21.48 -9.15 -12.07
CA PHE A 129 -22.27 -10.41 -11.99
C PHE A 129 -22.29 -11.06 -10.60
N GLY A 130 -21.79 -10.35 -9.59
CA GLY A 130 -21.63 -10.91 -8.27
C GLY A 130 -20.73 -12.15 -8.36
N PRO A 131 -20.92 -13.10 -7.42
CA PRO A 131 -20.15 -14.34 -7.35
C PRO A 131 -20.01 -15.09 -8.68
N LEU A 132 -21.04 -15.07 -9.50
CA LEU A 132 -21.06 -15.74 -10.82
C LEU A 132 -19.88 -15.33 -11.70
N GLY A 133 -19.47 -14.08 -11.58
CA GLY A 133 -18.32 -13.62 -12.35
C GLY A 133 -17.09 -14.49 -12.17
N TYR A 134 -16.89 -15.05 -10.98
CA TYR A 134 -15.74 -15.93 -10.72
C TYR A 134 -15.85 -17.27 -11.50
N ASN A 135 -17.06 -17.80 -11.66
CA ASN A 135 -17.23 -19.03 -12.46
C ASN A 135 -17.08 -18.69 -13.93
N MET A 136 -17.46 -17.46 -14.30
CA MET A 136 -17.29 -16.97 -15.64
C MET A 136 -15.80 -16.85 -15.97
N ALA A 137 -15.01 -16.39 -14.99
CA ALA A 137 -13.54 -16.28 -15.14
C ALA A 137 -12.89 -17.68 -15.29
N LEU A 138 -13.38 -18.64 -14.53
CA LEU A 138 -12.86 -20.03 -14.61
C LEU A 138 -13.05 -20.61 -15.99
N MET A 139 -14.29 -20.53 -16.45
CA MET A 139 -14.67 -20.96 -17.78
C MET A 139 -13.77 -20.33 -18.81
N ALA A 140 -13.54 -19.03 -18.66
CA ALA A 140 -12.72 -18.32 -19.57
C ALA A 140 -11.29 -18.81 -19.48
N MET A 141 -10.76 -18.91 -18.27
CA MET A 141 -9.35 -19.30 -18.08
C MET A 141 -9.06 -20.71 -18.63
N VAL A 142 -9.96 -21.65 -18.36
CA VAL A 142 -9.83 -23.01 -18.90
C VAL A 142 -9.74 -22.95 -20.40
N ASN A 143 -10.66 -22.21 -21.02
CA ASN A 143 -10.62 -22.09 -22.47
C ASN A 143 -9.34 -21.44 -22.98
N ILE A 144 -8.85 -20.43 -22.25
CA ILE A 144 -7.65 -19.71 -22.70
C ILE A 144 -6.42 -20.59 -22.59
N LEU A 145 -6.34 -21.36 -21.52
CA LEU A 145 -5.16 -22.20 -21.29
C LEU A 145 -5.11 -23.39 -22.29
N ALA A 146 -6.28 -23.93 -22.63
CA ALA A 146 -6.42 -25.02 -23.62
C ALA A 146 -6.04 -24.52 -25.01
N GLU A 147 -6.51 -23.33 -25.36
CA GLU A 147 -6.17 -22.69 -26.62
C GLU A 147 -4.66 -22.37 -26.69
N MET A 148 -4.06 -21.95 -25.57
CA MET A 148 -2.61 -21.75 -25.54
C MET A 148 -1.83 -23.06 -25.75
N LYS A 149 -2.34 -24.13 -25.16
CA LYS A 149 -1.74 -25.45 -25.29
C LYS A 149 -1.79 -25.96 -26.75
N ALA A 150 -2.98 -25.91 -27.37
CA ALA A 150 -3.13 -26.25 -28.80
C ALA A 150 -2.11 -25.52 -29.67
N PHE A 151 -1.99 -24.21 -29.46
CA PHE A 151 -1.08 -23.37 -30.24
C PHE A 151 0.40 -23.76 -30.04
N GLN A 152 0.77 -24.16 -28.83
CA GLN A 152 2.16 -24.57 -28.55
C GLN A 152 2.49 -25.90 -29.24
N GLU A 153 1.48 -26.77 -29.34
CA GLU A 153 1.62 -28.06 -30.02
C GLU A 153 1.40 -27.92 -31.53
N MET B 1 -16.93 1.33 27.35
CA MET B 1 -16.52 1.66 25.96
C MET B 1 -15.06 1.32 25.69
N LYS B 2 -14.83 0.36 24.80
CA LYS B 2 -13.52 0.08 24.23
C LYS B 2 -13.38 0.88 22.91
N ILE B 3 -12.43 1.80 22.87
CA ILE B 3 -12.22 2.71 21.74
C ILE B 3 -10.83 2.48 21.18
N LEU B 4 -10.76 2.17 19.87
CA LEU B 4 -9.48 1.90 19.24
C LEU B 4 -8.96 3.16 18.57
N VAL B 5 -7.73 3.53 18.92
CA VAL B 5 -7.05 4.66 18.33
C VAL B 5 -6.01 4.12 17.34
N ILE B 6 -6.27 4.34 16.03
CA ILE B 6 -5.32 3.92 14.99
C ILE B 6 -4.54 5.11 14.44
N GLN B 7 -3.22 4.98 14.42
CA GLN B 7 -2.32 6.02 13.98
C GLN B 7 -1.57 5.47 12.76
N GLY B 8 -1.66 6.21 11.67
CA GLY B 8 -1.15 5.74 10.39
C GLY B 8 0.32 5.99 10.19
N PRO B 9 0.75 5.98 8.91
CA PRO B 9 2.16 5.98 8.63
C PRO B 9 2.83 7.28 9.00
N ASN B 10 4.09 7.18 9.37
CA ASN B 10 4.93 8.28 9.82
C ASN B 10 4.60 8.91 11.18
N LEU B 11 3.43 8.61 11.74
CA LEU B 11 2.99 9.17 13.01
C LEU B 11 3.87 8.82 14.22
N ASN B 12 4.53 7.66 14.17
CA ASN B 12 5.48 7.26 15.23
C ASN B 12 6.74 8.12 15.25
N MET B 13 6.99 8.84 14.16
CA MET B 13 8.07 9.83 14.13
C MET B 13 7.71 11.22 14.75
N LEU B 14 6.51 11.39 15.25
CA LEU B 14 6.10 12.62 15.93
C LEU B 14 7.10 13.06 17.00
N GLY B 15 7.42 14.35 16.99
CA GLY B 15 8.34 14.97 17.96
C GLY B 15 9.81 14.72 17.70
N HIS B 16 10.09 13.71 16.88
CA HIS B 16 11.45 13.26 16.63
C HIS B 16 11.94 13.87 15.31
N ARG B 17 11.00 14.22 14.44
CA ARG B 17 11.32 14.85 13.18
C ARG B 17 10.31 15.93 12.82
N ASP B 18 10.81 16.93 12.10
CA ASP B 18 10.06 18.15 11.76
C ASP B 18 9.10 18.67 12.84
N PRO B 19 9.67 19.15 13.96
CA PRO B 19 8.90 19.81 15.01
C PRO B 19 8.15 21.06 14.53
N ARG B 20 8.66 21.77 13.54
CA ARG B 20 8.01 23.02 13.10
C ARG B 20 6.63 22.78 12.45
N LEU B 21 6.46 21.64 11.79
CA LEU B 21 5.19 21.31 11.14
C LEU B 21 4.23 20.50 12.04
N TYR B 22 4.76 19.44 12.67
CA TYR B 22 3.92 18.49 13.42
C TYR B 22 4.05 18.54 14.98
N GLY B 23 4.86 19.47 15.48
CA GLY B 23 5.03 19.63 16.91
C GLY B 23 6.13 18.79 17.54
N MET B 24 6.37 19.08 18.82
CA MET B 24 7.38 18.40 19.63
C MET B 24 6.79 17.28 20.50
N VAL B 25 5.46 17.24 20.65
CA VAL B 25 4.78 16.17 21.39
C VAL B 25 4.84 14.85 20.58
N THR B 26 5.31 13.78 21.24
CA THR B 26 5.44 12.45 20.62
C THR B 26 4.12 11.69 20.64
N LEU B 27 4.08 10.61 19.88
CA LEU B 27 2.87 9.80 19.77
C LEU B 27 2.52 9.24 21.16
N ASP B 28 3.52 8.72 21.84
CA ASP B 28 3.36 8.23 23.20
C ASP B 28 2.79 9.31 24.12
N GLN B 29 3.29 10.54 24.03
CA GLN B 29 2.73 11.65 24.83
C GLN B 29 1.25 11.96 24.52
N ILE B 30 0.87 11.88 23.24
CA ILE B 30 -0.52 12.12 22.82
C ILE B 30 -1.41 11.07 23.47
N HIS B 31 -0.94 9.83 23.54
CA HIS B 31 -1.75 8.75 24.08
C HIS B 31 -1.92 8.84 25.60
N GLU B 32 -0.91 9.38 26.28
CA GLU B 32 -1.01 9.66 27.73
C GLU B 32 -2.03 10.81 27.96
N ILE B 33 -1.98 11.84 27.09
CA ILE B 33 -2.93 12.98 27.12
C ILE B 33 -4.38 12.55 26.93
N MET B 34 -4.59 11.46 26.17
CA MET B 34 -5.91 10.93 25.93
C MET B 34 -6.41 10.20 27.19
N GLN B 35 -5.51 9.46 27.84
CA GLN B 35 -5.84 8.74 29.09
C GLN B 35 -6.16 9.74 30.20
N THR B 36 -5.33 10.77 30.33
CA THR B 36 -5.58 11.87 31.27
C THR B 36 -6.93 12.54 31.05
N PHE B 37 -7.37 12.61 29.79
CA PHE B 37 -8.65 13.23 29.46
C PHE B 37 -9.82 12.31 29.83
N VAL B 38 -9.63 11.02 29.64
CA VAL B 38 -10.62 10.01 30.07
C VAL B 38 -10.77 10.00 31.60
N LYS B 39 -9.67 10.23 32.32
CA LYS B 39 -9.71 10.18 33.79
C LYS B 39 -10.44 11.40 34.31
N GLN B 40 -9.85 12.56 34.03
CA GLN B 40 -10.33 13.83 34.53
C GLN B 40 -11.73 14.19 34.05
N GLY B 41 -12.39 13.28 33.31
CA GLY B 41 -13.84 13.38 32.99
C GLY B 41 -14.65 12.12 33.29
N ASN B 42 -14.02 11.16 33.96
CA ASN B 42 -14.63 9.85 34.26
C ASN B 42 -15.43 9.22 33.14
N LEU B 43 -14.83 9.15 31.97
CA LEU B 43 -15.46 8.47 30.85
C LEU B 43 -15.21 6.97 31.08
N ASP B 44 -16.27 6.19 31.03
CA ASP B 44 -16.12 4.75 31.11
C ASP B 44 -15.69 4.31 29.71
N VAL B 45 -14.40 4.49 29.47
CA VAL B 45 -13.76 4.32 28.18
C VAL B 45 -12.41 3.61 28.46
N GLU B 46 -12.15 2.52 27.73
CA GLU B 46 -10.85 1.86 27.74
C GLU B 46 -10.18 2.04 26.35
N LEU B 47 -9.04 2.72 26.31
CA LEU B 47 -8.34 2.99 25.04
C LEU B 47 -7.40 1.87 24.64
N GLU B 48 -7.37 1.58 23.34
CA GLU B 48 -6.32 0.73 22.78
C GLU B 48 -5.61 1.49 21.67
N PHE B 49 -4.29 1.49 21.70
CA PHE B 49 -3.50 2.28 20.76
C PHE B 49 -2.79 1.38 19.74
N PHE B 50 -2.79 1.79 18.46
CA PHE B 50 -2.14 0.98 17.41
C PHE B 50 -1.56 1.87 16.34
N GLN B 51 -0.25 1.81 16.11
CA GLN B 51 0.39 2.58 15.06
C GLN B 51 1.00 1.65 14.05
N THR B 52 0.88 2.01 12.76
CA THR B 52 1.52 1.23 11.70
C THR B 52 1.72 2.06 10.42
N ASN B 53 2.73 1.65 9.67
CA ASN B 53 3.06 2.19 8.35
C ASN B 53 2.52 1.35 7.21
N PHE B 54 1.80 0.28 7.58
CA PHE B 54 1.18 -0.65 6.63
C PHE B 54 -0.31 -0.41 6.46
N GLU B 55 -0.70 -0.12 5.22
CA GLU B 55 -2.12 0.00 4.88
C GLU B 55 -2.90 -1.25 5.28
N GLY B 56 -2.32 -2.41 4.99
CA GLY B 56 -3.02 -3.69 5.22
C GLY B 56 -3.22 -4.00 6.71
N GLU B 57 -2.25 -3.57 7.54
CA GLU B 57 -2.39 -3.71 9.01
C GLU B 57 -3.49 -2.83 9.56
N ILE B 58 -3.65 -1.62 8.99
CA ILE B 58 -4.78 -0.77 9.33
C ILE B 58 -6.11 -1.44 8.93
N ILE B 59 -6.17 -2.05 7.75
CA ILE B 59 -7.40 -2.72 7.32
C ILE B 59 -7.66 -3.97 8.21
N ASP B 60 -6.62 -4.76 8.48
CA ASP B 60 -6.72 -5.92 9.36
C ASP B 60 -7.27 -5.53 10.73
N LYS B 61 -6.80 -4.40 11.24
CA LYS B 61 -7.19 -3.91 12.54
C LYS B 61 -8.62 -3.41 12.56
N ILE B 62 -9.02 -2.67 11.52
CA ILE B 62 -10.41 -2.23 11.42
C ILE B 62 -11.41 -3.41 11.36
N GLN B 63 -11.00 -4.47 10.67
CA GLN B 63 -11.81 -5.68 10.53
C GLN B 63 -11.92 -6.45 11.85
N GLU B 64 -10.86 -6.38 12.64
CA GLU B 64 -10.80 -6.97 13.98
C GLU B 64 -11.87 -6.33 14.88
N SER B 65 -12.21 -5.07 14.58
CA SER B 65 -13.22 -4.32 15.33
C SER B 65 -14.66 -4.86 15.06
N VAL B 66 -14.76 -5.95 14.28
CA VAL B 66 -16.01 -6.69 14.07
C VAL B 66 -16.63 -7.24 15.35
N GLY B 67 -15.87 -8.05 16.10
CA GLY B 67 -16.36 -8.65 17.34
C GLY B 67 -16.71 -7.58 18.36
N SER B 68 -17.82 -7.79 19.09
CA SER B 68 -18.29 -6.85 20.12
C SER B 68 -17.27 -6.67 21.24
N ASP B 69 -16.07 -6.22 20.85
CA ASP B 69 -15.04 -5.75 21.77
C ASP B 69 -14.97 -4.23 21.63
N TYR B 70 -14.61 -3.78 20.42
CA TYR B 70 -14.38 -2.35 20.17
C TYR B 70 -15.63 -1.70 19.61
N GLU B 71 -16.05 -0.61 20.22
CA GLU B 71 -17.30 0.06 19.85
C GLU B 71 -17.10 1.19 18.86
N GLY B 72 -15.92 1.79 18.84
CA GLY B 72 -15.63 2.88 17.90
C GLY B 72 -14.17 3.01 17.58
N ILE B 73 -13.86 3.66 16.45
CA ILE B 73 -12.47 3.92 16.10
C ILE B 73 -12.17 5.43 15.95
N ILE B 74 -11.04 5.86 16.51
CA ILE B 74 -10.48 7.18 16.26
C ILE B 74 -9.21 6.97 15.41
N ILE B 75 -9.23 7.49 14.18
CA ILE B 75 -8.15 7.23 13.19
C ILE B 75 -7.52 8.48 12.62
N ASN B 76 -6.20 8.49 12.61
CA ASN B 76 -5.42 9.40 11.82
C ASN B 76 -4.68 8.58 10.77
N PRO B 77 -5.23 8.45 9.56
CA PRO B 77 -4.62 7.65 8.52
C PRO B 77 -3.33 8.20 7.89
N GLY B 78 -2.88 9.38 8.29
CA GLY B 78 -1.67 9.93 7.73
C GLY B 78 -1.93 10.18 6.25
N ALA B 79 -0.92 9.97 5.44
CA ALA B 79 -0.97 10.16 3.99
C ALA B 79 -1.91 9.19 3.26
N PHE B 80 -2.31 8.09 3.92
CA PHE B 80 -3.22 7.13 3.35
C PHE B 80 -4.60 7.74 3.25
N SER B 81 -4.85 8.82 4.00
CA SER B 81 -6.08 9.56 3.92
C SER B 81 -6.36 9.95 2.48
N HIS B 82 -5.31 10.37 1.77
CA HIS B 82 -5.42 10.99 0.45
C HIS B 82 -5.43 9.99 -0.68
N THR B 83 -4.99 8.77 -0.40
CA THR B 83 -4.75 7.74 -1.40
C THR B 83 -5.54 6.43 -1.21
N SER B 84 -5.90 6.07 0.03
CA SER B 84 -6.43 4.69 0.29
C SER B 84 -7.97 4.56 0.18
N ILE B 85 -8.43 4.26 -1.03
CA ILE B 85 -9.83 3.80 -1.22
C ILE B 85 -10.06 2.48 -0.43
N ALA B 86 -9.02 1.67 -0.26
CA ALA B 86 -9.13 0.39 0.45
C ALA B 86 -9.44 0.61 1.95
N ILE B 87 -8.76 1.53 2.59
CA ILE B 87 -9.06 1.89 4.00
C ILE B 87 -10.42 2.56 4.07
N ALA B 88 -10.78 3.45 3.13
CA ALA B 88 -12.12 4.06 3.13
C ALA B 88 -13.23 3.01 3.06
N ASP B 89 -13.06 2.01 2.19
CA ASP B 89 -14.04 0.90 2.12
C ASP B 89 -14.07 0.07 3.45
N ALA B 90 -12.92 -0.18 4.06
CA ALA B 90 -12.87 -0.90 5.34
C ALA B 90 -13.65 -0.11 6.40
N ILE B 91 -13.49 1.20 6.40
CA ILE B 91 -14.28 2.07 7.28
C ILE B 91 -15.76 1.90 7.01
N MET B 92 -16.17 1.98 5.75
CA MET B 92 -17.58 1.84 5.38
C MET B 92 -18.18 0.49 5.80
N LEU B 93 -17.42 -0.58 5.66
CA LEU B 93 -17.89 -1.94 5.90
C LEU B 93 -17.89 -2.24 7.40
N ALA B 94 -17.22 -1.42 8.20
CA ALA B 94 -17.03 -1.72 9.63
C ALA B 94 -18.33 -1.62 10.42
N GLY B 95 -19.19 -0.66 10.07
CA GLY B 95 -20.47 -0.49 10.77
C GLY B 95 -20.31 -0.20 12.25
N LYS B 96 -19.32 0.62 12.57
CA LYS B 96 -19.15 1.19 13.90
C LYS B 96 -18.71 2.62 13.67
N PRO B 97 -18.98 3.52 14.61
CA PRO B 97 -18.52 4.89 14.39
C PRO B 97 -17.01 5.03 14.26
N VAL B 98 -16.59 5.82 13.27
CA VAL B 98 -15.19 6.11 13.07
C VAL B 98 -15.08 7.62 12.96
N ILE B 99 -14.00 8.17 13.49
CA ILE B 99 -13.79 9.61 13.49
C ILE B 99 -12.37 9.82 13.08
N GLU B 100 -12.17 10.73 12.10
CA GLU B 100 -10.85 10.98 11.56
C GLU B 100 -10.26 12.20 12.17
N VAL B 101 -8.98 12.12 12.50
CA VAL B 101 -8.25 13.24 13.05
C VAL B 101 -6.99 13.50 12.27
N HIS B 102 -6.70 14.79 12.01
CA HIS B 102 -5.41 15.23 11.49
C HIS B 102 -4.86 16.29 12.42
N LEU B 103 -3.57 16.22 12.64
CA LEU B 103 -2.86 17.22 13.39
C LEU B 103 -2.88 18.57 12.70
N THR B 104 -2.67 18.57 11.38
CA THR B 104 -2.60 19.79 10.61
C THR B 104 -3.91 20.05 9.88
N ASN B 105 -4.06 21.26 9.39
CA ASN B 105 -5.18 21.64 8.57
C ASN B 105 -4.89 21.22 7.13
N ILE B 106 -5.46 20.09 6.71
CA ILE B 106 -5.25 19.56 5.35
C ILE B 106 -6.02 20.28 4.24
N GLN B 107 -6.79 21.32 4.58
CA GLN B 107 -7.26 22.30 3.61
C GLN B 107 -6.23 23.41 3.34
N ALA B 108 -5.18 23.51 4.16
CA ALA B 108 -4.24 24.65 4.12
C ALA B 108 -2.81 24.25 3.72
N ARG B 109 -2.63 23.06 3.18
CA ARG B 109 -1.31 22.62 2.76
C ARG B 109 -1.29 22.36 1.25
N GLU B 110 -0.48 21.40 0.79
CA GLU B 110 -0.42 21.08 -0.65
C GLU B 110 -1.78 20.67 -1.21
N GLU B 111 -1.97 20.83 -2.52
CA GLU B 111 -3.23 20.46 -3.15
C GLU B 111 -3.51 18.95 -3.00
N PHE B 112 -2.45 18.13 -3.02
CA PHE B 112 -2.61 16.67 -2.92
C PHE B 112 -3.10 16.15 -1.52
N ARG B 113 -3.11 17.02 -0.52
CA ARG B 113 -3.65 16.64 0.80
C ARG B 113 -5.13 16.96 0.99
N LYS B 114 -5.73 17.67 0.06
CA LYS B 114 -7.09 18.12 0.28
C LYS B 114 -8.08 16.96 0.17
N ASN B 115 -7.85 16.05 -0.77
CA ASN B 115 -8.75 14.87 -0.86
C ASN B 115 -8.56 13.99 0.37
N SER B 116 -9.64 13.54 1.00
CA SER B 116 -9.55 12.44 1.98
C SER B 116 -10.61 11.39 1.67
N TYR B 117 -10.20 10.31 1.05
CA TYR B 117 -11.13 9.19 0.82
C TYR B 117 -11.66 8.67 2.17
N THR B 118 -10.75 8.52 3.12
CA THR B 118 -11.09 8.06 4.48
C THR B 118 -12.07 8.99 5.23
N GLY B 119 -11.77 10.29 5.18
CA GLY B 119 -12.57 11.27 5.89
C GLY B 119 -14.01 11.28 5.44
N ALA B 120 -14.19 11.10 4.14
CA ALA B 120 -15.46 11.01 3.51
C ALA B 120 -16.25 9.81 3.98
N ALA B 121 -15.57 8.73 4.36
CA ALA B 121 -16.20 7.48 4.83
C ALA B 121 -16.55 7.61 6.31
N CYS B 122 -15.90 8.55 6.99
CA CYS B 122 -16.05 8.70 8.46
C CYS B 122 -17.29 9.53 8.81
N GLY B 123 -17.71 9.45 10.07
CA GLY B 123 -18.85 10.23 10.54
C GLY B 123 -18.47 11.70 10.71
N GLY B 124 -17.22 11.95 11.06
CA GLY B 124 -16.77 13.32 11.19
C GLY B 124 -15.28 13.39 11.10
N VAL B 125 -14.78 14.60 10.96
CA VAL B 125 -13.40 14.82 10.66
C VAL B 125 -12.96 16.03 11.46
N ILE B 126 -11.75 15.93 12.01
CA ILE B 126 -11.18 17.00 12.79
C ILE B 126 -9.80 17.33 12.31
N MET B 127 -9.49 18.59 12.09
CA MET B 127 -8.16 18.94 11.63
C MET B 127 -7.63 20.29 12.08
N GLY B 128 -6.33 20.33 12.29
CA GLY B 128 -5.64 21.56 12.54
C GLY B 128 -5.43 21.93 14.01
N PHE B 129 -5.84 21.06 14.95
CA PHE B 129 -5.71 21.40 16.40
C PHE B 129 -4.51 20.75 17.09
N GLY B 130 -3.66 20.08 16.33
CA GLY B 130 -2.60 19.26 16.90
C GLY B 130 -3.12 18.14 17.79
N PRO B 131 -2.33 17.72 18.79
CA PRO B 131 -2.71 16.64 19.70
C PRO B 131 -4.11 16.74 20.33
N LEU B 132 -4.57 17.95 20.64
CA LEU B 132 -5.90 18.17 21.20
C LEU B 132 -7.02 17.56 20.38
N GLY B 133 -6.83 17.50 19.05
CA GLY B 133 -7.86 16.94 18.18
C GLY B 133 -8.28 15.55 18.57
N TYR B 134 -7.36 14.77 19.11
CA TYR B 134 -7.66 13.41 19.58
C TYR B 134 -8.60 13.33 20.79
N ASN B 135 -8.45 14.30 21.69
CA ASN B 135 -9.38 14.48 22.82
C ASN B 135 -10.73 14.98 22.35
N MET B 136 -10.72 15.86 21.35
CA MET B 136 -11.96 16.36 20.78
C MET B 136 -12.76 15.19 20.19
N ALA B 137 -12.04 14.26 19.58
CA ALA B 137 -12.61 13.06 18.98
C ALA B 137 -13.20 12.13 20.04
N LEU B 138 -12.49 12.01 21.15
CA LEU B 138 -12.93 11.18 22.28
C LEU B 138 -14.28 11.69 22.79
N MET B 139 -14.33 13.00 23.04
CA MET B 139 -15.54 13.71 23.42
C MET B 139 -16.70 13.39 22.49
N ALA B 140 -16.46 13.44 21.18
CA ALA B 140 -17.51 13.15 20.24
C ALA B 140 -17.84 11.68 20.24
N MET B 141 -16.83 10.82 20.35
CA MET B 141 -17.07 9.38 20.29
C MET B 141 -17.95 8.93 21.46
N VAL B 142 -17.61 9.36 22.66
CA VAL B 142 -18.44 9.02 23.85
C VAL B 142 -19.89 9.46 23.67
N ASN B 143 -20.07 10.67 23.13
CA ASN B 143 -21.40 11.19 22.83
C ASN B 143 -22.20 10.39 21.79
N ILE B 144 -21.54 10.09 20.67
CA ILE B 144 -22.11 9.30 19.61
C ILE B 144 -22.55 7.91 20.10
N LEU B 145 -21.69 7.29 20.90
CA LEU B 145 -21.97 5.99 21.49
C LEU B 145 -23.17 6.06 22.48
N ALA B 146 -23.26 7.16 23.24
CA ALA B 146 -24.40 7.40 24.13
C ALA B 146 -25.72 7.49 23.36
N GLU B 147 -25.75 8.36 22.34
CA GLU B 147 -26.91 8.52 21.45
C GLU B 147 -27.38 7.21 20.86
N MET B 148 -26.44 6.40 20.41
CA MET B 148 -26.75 5.11 19.80
C MET B 148 -27.40 4.19 20.85
N LYS B 149 -26.88 4.23 22.08
CA LYS B 149 -27.41 3.39 23.17
C LYS B 149 -28.80 3.85 23.66
N ALA B 150 -28.99 5.15 23.88
CA ALA B 150 -30.32 5.70 24.19
C ALA B 150 -31.33 5.22 23.15
N PHE B 151 -30.93 5.27 21.88
CA PHE B 151 -31.76 4.76 20.78
C PHE B 151 -32.01 3.25 20.91
N GLN B 152 -30.97 2.48 21.29
CA GLN B 152 -31.10 1.03 21.56
C GLN B 152 -32.10 0.78 22.70
N MET C 1 31.32 5.72 5.44
CA MET C 1 29.90 6.13 5.60
C MET C 1 29.00 4.96 5.16
N LYS C 2 27.86 4.79 5.83
CA LYS C 2 26.87 3.76 5.45
C LYS C 2 25.81 4.31 4.51
N ILE C 3 25.69 3.68 3.33
CA ILE C 3 24.67 4.04 2.34
C ILE C 3 23.66 2.89 2.16
N LEU C 4 22.37 3.23 2.28
CA LEU C 4 21.28 2.23 2.20
C LEU C 4 20.64 2.29 0.81
N VAL C 5 20.60 1.15 0.12
CA VAL C 5 20.05 1.07 -1.23
C VAL C 5 18.68 0.35 -1.18
N ILE C 6 17.62 1.13 -1.35
CA ILE C 6 16.21 0.61 -1.27
C ILE C 6 15.60 0.45 -2.67
N GLN C 7 15.13 -0.77 -2.97
CA GLN C 7 14.61 -1.15 -4.27
C GLN C 7 13.15 -1.55 -4.05
N GLY C 8 12.23 -0.85 -4.72
CA GLY C 8 10.83 -1.01 -4.41
C GLY C 8 10.17 -2.12 -5.22
N PRO C 9 8.83 -2.03 -5.39
CA PRO C 9 8.07 -3.17 -5.90
C PRO C 9 8.46 -3.58 -7.32
N ASN C 10 8.52 -4.90 -7.56
CA ASN C 10 8.83 -5.52 -8.86
C ASN C 10 10.30 -5.52 -9.25
N LEU C 11 11.12 -4.71 -8.59
CA LEU C 11 12.56 -4.57 -8.93
C LEU C 11 13.35 -5.90 -8.85
N ASN C 12 12.93 -6.77 -7.95
CA ASN C 12 13.47 -8.13 -7.85
C ASN C 12 13.21 -9.03 -9.03
N MET C 13 12.24 -8.68 -9.86
CA MET C 13 12.01 -9.39 -11.12
C MET C 13 12.90 -8.93 -12.28
N LEU C 14 13.80 -7.97 -12.04
CA LEU C 14 14.68 -7.48 -13.10
C LEU C 14 15.47 -8.64 -13.72
N GLY C 15 15.67 -8.50 -15.04
CA GLY C 15 16.42 -9.46 -15.84
C GLY C 15 15.76 -10.80 -16.03
N HIS C 16 14.61 -11.01 -15.38
CA HIS C 16 13.87 -12.26 -15.50
C HIS C 16 12.60 -12.03 -16.32
N ARG C 17 12.19 -10.76 -16.47
CA ARG C 17 10.95 -10.38 -17.14
C ARG C 17 11.10 -9.04 -17.87
N ASP C 18 10.45 -8.95 -19.02
CA ASP C 18 10.39 -7.73 -19.81
C ASP C 18 11.76 -7.12 -20.03
N PRO C 19 12.65 -7.91 -20.64
CA PRO C 19 14.01 -7.43 -20.86
C PRO C 19 14.09 -6.24 -21.79
N ARG C 20 13.20 -6.15 -22.78
CA ARG C 20 13.28 -5.05 -23.76
C ARG C 20 12.89 -3.72 -23.11
N LEU C 21 12.14 -3.78 -22.02
CA LEU C 21 11.80 -2.57 -21.24
C LEU C 21 12.80 -2.26 -20.11
N TYR C 22 13.17 -3.26 -19.30
CA TYR C 22 14.02 -3.02 -18.13
C TYR C 22 15.44 -3.64 -18.19
N GLY C 23 15.77 -4.30 -19.30
CA GLY C 23 17.12 -4.84 -19.53
C GLY C 23 17.32 -6.26 -19.02
N MET C 24 18.55 -6.76 -19.13
CA MET C 24 18.88 -8.15 -18.80
C MET C 24 19.72 -8.31 -17.53
N VAL C 25 20.23 -7.21 -16.98
CA VAL C 25 20.96 -7.27 -15.74
C VAL C 25 19.95 -7.38 -14.59
N THR C 26 20.17 -8.38 -13.75
CA THR C 26 19.35 -8.62 -12.56
C THR C 26 19.68 -7.64 -11.44
N LEU C 27 18.83 -7.65 -10.40
CA LEU C 27 18.99 -6.78 -9.26
C LEU C 27 20.26 -7.13 -8.46
N ASP C 28 20.54 -8.43 -8.34
CA ASP C 28 21.78 -8.89 -7.72
C ASP C 28 22.98 -8.42 -8.52
N GLN C 29 22.91 -8.46 -9.86
CA GLN C 29 24.01 -7.99 -10.69
C GLN C 29 24.27 -6.46 -10.60
N ILE C 30 23.20 -5.65 -10.52
CA ILE C 30 23.35 -4.21 -10.25
C ILE C 30 24.06 -3.97 -8.89
N HIS C 31 23.64 -4.70 -7.87
CA HIS C 31 24.21 -4.49 -6.55
C HIS C 31 25.71 -4.87 -6.44
N GLU C 32 26.08 -5.97 -7.10
CA GLU C 32 27.51 -6.30 -7.17
C GLU C 32 28.30 -5.27 -8.05
N ILE C 33 27.66 -4.67 -9.06
CA ILE C 33 28.29 -3.56 -9.79
C ILE C 33 28.54 -2.33 -8.92
N MET C 34 27.59 -2.02 -8.05
CA MET C 34 27.72 -0.89 -7.14
C MET C 34 28.88 -1.14 -6.13
N GLN C 35 28.97 -2.38 -5.65
CA GLN C 35 30.05 -2.82 -4.75
C GLN C 35 31.41 -2.69 -5.39
N THR C 36 31.50 -3.05 -6.66
CA THR C 36 32.76 -2.96 -7.42
C THR C 36 33.14 -1.49 -7.63
N PHE C 37 32.16 -0.65 -7.95
CA PHE C 37 32.37 0.79 -8.02
C PHE C 37 32.99 1.38 -6.73
N VAL C 38 32.54 0.88 -5.58
CA VAL C 38 33.07 1.29 -4.30
C VAL C 38 34.51 0.76 -4.11
N LYS C 39 34.67 -0.57 -4.19
CA LYS C 39 35.96 -1.24 -3.99
C LYS C 39 37.01 -0.65 -4.92
N GLN C 40 36.70 -0.66 -6.21
CA GLN C 40 37.64 -0.22 -7.23
C GLN C 40 37.98 1.28 -7.06
N GLY C 41 37.07 2.04 -6.47
CA GLY C 41 37.36 3.44 -6.11
C GLY C 41 37.95 3.69 -4.73
N ASN C 42 38.19 2.62 -3.95
CA ASN C 42 38.51 2.73 -2.51
C ASN C 42 37.68 3.80 -1.78
N LEU C 43 36.38 3.82 -2.06
CA LEU C 43 35.50 4.72 -1.37
C LEU C 43 35.25 4.14 0.03
N ASP C 44 35.03 5.04 0.98
CA ASP C 44 34.83 4.65 2.38
C ASP C 44 33.33 4.54 2.56
N VAL C 45 32.76 3.58 1.83
CA VAL C 45 31.32 3.46 1.73
C VAL C 45 30.96 2.01 2.06
N GLU C 46 30.01 1.86 2.97
CA GLU C 46 29.48 0.57 3.31
C GLU C 46 28.03 0.50 2.81
N LEU C 47 27.78 -0.30 1.77
CA LEU C 47 26.44 -0.43 1.17
C LEU C 47 25.59 -1.45 1.90
N GLU C 48 24.31 -1.13 2.09
CA GLU C 48 23.29 -2.10 2.49
C GLU C 48 22.18 -2.12 1.47
N PHE C 49 21.81 -3.31 1.01
CA PHE C 49 20.76 -3.45 0.00
C PHE C 49 19.48 -3.99 0.58
N PHE C 50 18.34 -3.39 0.16
CA PHE C 50 17.03 -3.81 0.64
C PHE C 50 16.01 -3.74 -0.51
N GLN C 51 15.34 -4.87 -0.80
CA GLN C 51 14.21 -4.86 -1.77
C GLN C 51 12.93 -5.29 -1.10
N THR C 52 11.82 -4.66 -1.51
CA THR C 52 10.52 -5.05 -1.01
C THR C 52 9.38 -4.55 -1.89
N ASN C 53 8.29 -5.30 -1.86
CA ASN C 53 7.05 -4.95 -2.56
C ASN C 53 6.05 -4.24 -1.66
N PHE C 54 6.44 -4.04 -0.40
CA PHE C 54 5.58 -3.46 0.62
C PHE C 54 5.92 -2.02 0.87
N GLU C 55 4.97 -1.13 0.62
CA GLU C 55 5.12 0.26 0.99
C GLU C 55 5.53 0.47 2.47
N GLY C 56 4.87 -0.25 3.38
CA GLY C 56 5.17 -0.09 4.81
C GLY C 56 6.60 -0.55 5.21
N GLU C 57 7.12 -1.58 4.55
CA GLU C 57 8.51 -2.01 4.78
C GLU C 57 9.53 -0.95 4.33
N ILE C 58 9.19 -0.23 3.25
CA ILE C 58 10.00 0.90 2.83
C ILE C 58 10.01 2.02 3.86
N ILE C 59 8.82 2.37 4.36
CA ILE C 59 8.73 3.41 5.38
C ILE C 59 9.51 2.93 6.63
N ASP C 60 9.20 1.74 7.14
CA ASP C 60 9.91 1.18 8.30
C ASP C 60 11.44 1.35 8.13
N LYS C 61 11.94 1.07 6.94
CA LYS C 61 13.37 1.08 6.67
C LYS C 61 13.95 2.50 6.62
N ILE C 62 13.17 3.44 6.12
CA ILE C 62 13.60 4.82 6.08
C ILE C 62 13.68 5.36 7.50
N GLN C 63 12.73 4.96 8.35
CA GLN C 63 12.69 5.39 9.76
C GLN C 63 13.76 4.74 10.60
N GLU C 64 14.08 3.48 10.30
CA GLU C 64 15.17 2.74 10.92
C GLU C 64 16.52 3.45 10.63
N SER C 65 16.55 4.27 9.58
CA SER C 65 17.76 4.98 9.17
C SER C 65 18.14 6.10 10.18
N VAL C 66 17.13 6.69 10.84
CA VAL C 66 17.31 7.74 11.89
C VAL C 66 18.52 7.59 12.86
N GLY C 67 18.85 6.35 13.25
CA GLY C 67 19.93 6.11 14.21
C GLY C 67 21.31 6.07 13.59
N SER C 68 22.14 7.10 13.89
CA SER C 68 23.56 7.22 13.45
C SER C 68 24.28 5.88 13.12
N ASP C 69 23.76 5.23 12.08
CA ASP C 69 24.41 4.15 11.36
C ASP C 69 24.42 4.61 9.91
N TYR C 70 23.23 4.86 9.36
CA TYR C 70 23.03 5.18 7.95
C TYR C 70 23.08 6.69 7.69
N GLU C 71 23.79 7.08 6.64
CA GLU C 71 24.06 8.49 6.36
C GLU C 71 23.32 9.03 5.14
N GLY C 72 23.01 8.15 4.19
CA GLY C 72 22.20 8.53 3.01
C GLY C 72 21.44 7.38 2.38
N ILE C 73 20.37 7.71 1.66
CA ILE C 73 19.58 6.69 0.96
C ILE C 73 19.61 6.91 -0.55
N ILE C 74 19.81 5.81 -1.28
CA ILE C 74 19.58 5.75 -2.69
C ILE C 74 18.33 4.87 -2.91
N ILE C 75 17.24 5.46 -3.43
CA ILE C 75 15.95 4.75 -3.53
C ILE C 75 15.42 4.69 -4.97
N ASN C 76 14.98 3.52 -5.37
CA ASN C 76 14.11 3.35 -6.53
C ASN C 76 12.73 2.87 -6.06
N PRO C 77 11.79 3.79 -5.82
CA PRO C 77 10.52 3.33 -5.27
C PRO C 77 9.62 2.56 -6.22
N GLY C 78 10.03 2.37 -7.46
CA GLY C 78 9.18 1.65 -8.37
C GLY C 78 7.89 2.42 -8.60
N ALA C 79 6.79 1.70 -8.73
CA ALA C 79 5.51 2.31 -8.98
C ALA C 79 5.02 3.17 -7.84
N PHE C 80 5.53 2.95 -6.62
CA PHE C 80 5.17 3.78 -5.50
C PHE C 80 5.64 5.23 -5.66
N SER C 81 6.57 5.49 -6.58
CA SER C 81 7.04 6.84 -6.86
C SER C 81 5.85 7.75 -7.18
N HIS C 82 4.88 7.19 -7.90
CA HIS C 82 3.81 7.93 -8.53
C HIS C 82 2.57 8.04 -7.67
N THR C 83 2.51 7.23 -6.63
CA THR C 83 1.30 7.07 -5.83
C THR C 83 1.52 7.32 -4.32
N SER C 84 2.73 7.10 -3.80
CA SER C 84 2.93 7.06 -2.31
C SER C 84 3.31 8.41 -1.73
N ILE C 85 2.31 9.19 -1.30
CA ILE C 85 2.55 10.36 -0.48
C ILE C 85 3.20 9.92 0.85
N ALA C 86 2.81 8.74 1.33
CA ALA C 86 3.33 8.23 2.60
C ALA C 86 4.87 8.04 2.58
N ILE C 87 5.42 7.51 1.48
CA ILE C 87 6.89 7.42 1.35
C ILE C 87 7.53 8.80 1.13
N ALA C 88 6.89 9.68 0.35
CA ALA C 88 7.37 11.06 0.18
C ALA C 88 7.57 11.68 1.52
N ASP C 89 6.55 11.56 2.38
CA ASP C 89 6.57 12.09 3.74
C ASP C 89 7.69 11.46 4.60
N ALA C 90 7.87 10.15 4.49
CA ALA C 90 8.96 9.48 5.20
C ALA C 90 10.31 10.06 4.77
N ILE C 91 10.48 10.28 3.47
CA ILE C 91 11.68 10.90 2.95
C ILE C 91 11.87 12.29 3.55
N MET C 92 10.80 13.07 3.59
CA MET C 92 10.89 14.44 4.11
C MET C 92 11.34 14.47 5.58
N LEU C 93 10.79 13.56 6.36
CA LEU C 93 11.07 13.49 7.79
C LEU C 93 12.39 12.80 8.11
N ALA C 94 13.07 12.19 7.14
CA ALA C 94 14.25 11.35 7.41
C ALA C 94 15.44 12.22 7.76
N GLY C 95 15.47 13.43 7.22
CA GLY C 95 16.50 14.38 7.61
C GLY C 95 17.89 13.93 7.22
N LYS C 96 18.01 13.27 6.08
CA LYS C 96 19.31 13.02 5.45
C LYS C 96 19.16 12.85 3.96
N PRO C 97 20.29 12.93 3.22
CA PRO C 97 20.31 12.81 1.77
C PRO C 97 19.57 11.58 1.24
N VAL C 98 18.67 11.83 0.28
CA VAL C 98 18.01 10.77 -0.47
C VAL C 98 18.04 11.13 -1.96
N ILE C 99 18.54 10.20 -2.77
CA ILE C 99 18.56 10.29 -4.21
C ILE C 99 17.59 9.23 -4.76
N GLU C 100 16.72 9.65 -5.68
CA GLU C 100 15.83 8.74 -6.37
C GLU C 100 16.44 8.33 -7.69
N VAL C 101 16.41 7.03 -7.99
CA VAL C 101 16.79 6.50 -9.30
C VAL C 101 15.68 5.73 -9.99
N HIS C 102 15.56 5.91 -11.30
CA HIS C 102 14.67 5.13 -12.14
C HIS C 102 15.47 4.61 -13.31
N LEU C 103 15.25 3.33 -13.62
CA LEU C 103 15.86 2.69 -14.76
C LEU C 103 15.43 3.35 -16.05
N THR C 104 14.14 3.62 -16.19
CA THR C 104 13.62 4.22 -17.38
C THR C 104 13.39 5.72 -17.20
N ASN C 105 13.18 6.41 -18.32
CA ASN C 105 12.84 7.80 -18.34
C ASN C 105 11.33 7.91 -18.11
N ILE C 106 10.95 8.21 -16.87
CA ILE C 106 9.53 8.33 -16.49
C ILE C 106 8.79 9.57 -17.04
N GLN C 107 9.52 10.48 -17.71
CA GLN C 107 8.87 11.54 -18.49
C GLN C 107 8.45 11.00 -19.87
N ALA C 108 8.96 9.83 -20.29
CA ALA C 108 8.75 9.38 -21.66
C ALA C 108 7.90 8.11 -21.75
N ARG C 109 7.06 7.85 -20.74
CA ARG C 109 6.21 6.65 -20.75
C ARG C 109 4.75 7.06 -20.57
N GLU C 110 3.92 6.22 -19.95
CA GLU C 110 2.51 6.57 -19.76
C GLU C 110 2.39 7.86 -18.94
N GLU C 111 1.28 8.57 -19.14
CA GLU C 111 1.07 9.81 -18.40
C GLU C 111 1.09 9.56 -16.89
N PHE C 112 0.63 8.38 -16.46
CA PHE C 112 0.53 8.11 -15.02
C PHE C 112 1.87 7.89 -14.33
N ARG C 113 2.94 7.81 -15.12
CA ARG C 113 4.30 7.71 -14.53
C ARG C 113 5.01 9.04 -14.35
N LYS C 114 4.40 10.11 -14.85
CA LYS C 114 5.07 11.42 -14.84
C LYS C 114 5.11 12.01 -13.42
N ASN C 115 4.04 11.86 -12.67
CA ASN C 115 4.06 12.33 -11.29
C ASN C 115 5.00 11.49 -10.44
N SER C 116 5.87 12.15 -9.66
CA SER C 116 6.67 11.47 -8.63
C SER C 116 6.61 12.22 -7.30
N TYR C 117 5.72 11.77 -6.41
CA TYR C 117 5.68 12.34 -5.07
C TYR C 117 7.05 12.16 -4.42
N THR C 118 7.61 10.97 -4.52
CA THR C 118 8.88 10.69 -3.84
C THR C 118 10.05 11.52 -4.37
N GLY C 119 10.10 11.67 -5.69
CA GLY C 119 11.20 12.37 -6.30
C GLY C 119 11.20 13.85 -6.01
N ALA C 120 9.99 14.40 -5.88
CA ALA C 120 9.79 15.76 -5.40
C ALA C 120 10.33 15.96 -4.00
N ALA C 121 10.31 14.90 -3.20
CA ALA C 121 10.82 14.92 -1.79
C ALA C 121 12.35 14.64 -1.70
N CYS C 122 12.95 14.07 -2.74
CA CYS C 122 14.41 13.83 -2.75
C CYS C 122 15.20 15.08 -3.19
N GLY C 123 16.49 15.14 -2.82
CA GLY C 123 17.34 16.26 -3.32
C GLY C 123 17.61 16.18 -4.81
N GLY C 124 17.72 14.96 -5.30
CA GLY C 124 18.03 14.75 -6.67
C GLY C 124 17.38 13.52 -7.24
N VAL C 125 17.19 13.55 -8.56
CA VAL C 125 16.57 12.46 -9.27
C VAL C 125 17.38 12.14 -10.51
N ILE C 126 17.52 10.85 -10.79
CA ILE C 126 18.21 10.30 -11.92
C ILE C 126 17.31 9.28 -12.56
N MET C 127 17.16 9.37 -13.88
CA MET C 127 16.25 8.48 -14.61
C MET C 127 16.72 8.25 -16.05
N GLY C 128 16.55 7.03 -16.53
CA GLY C 128 16.75 6.72 -17.94
C GLY C 128 18.10 6.13 -18.34
N PHE C 129 18.99 5.92 -17.39
CA PHE C 129 20.35 5.39 -17.69
C PHE C 129 20.45 3.86 -17.50
N GLY C 130 19.34 3.20 -17.21
CA GLY C 130 19.40 1.81 -16.72
C GLY C 130 20.21 1.64 -15.42
N PRO C 131 20.85 0.46 -15.26
CA PRO C 131 21.64 0.19 -14.06
C PRO C 131 22.72 1.24 -13.71
N LEU C 132 23.34 1.83 -14.72
CA LEU C 132 24.38 2.87 -14.54
C LEU C 132 23.88 4.00 -13.66
N GLY C 133 22.56 4.22 -13.70
CA GLY C 133 21.98 5.24 -12.85
C GLY C 133 22.28 5.06 -11.38
N TYR C 134 22.44 3.83 -10.93
CA TYR C 134 22.73 3.58 -9.51
C TYR C 134 24.18 3.97 -9.16
N ASN C 135 25.10 3.77 -10.11
CA ASN C 135 26.52 4.18 -9.95
C ASN C 135 26.65 5.69 -9.96
N MET C 136 25.82 6.33 -10.79
CA MET C 136 25.71 7.79 -10.82
C MET C 136 25.26 8.31 -9.47
N ALA C 137 24.26 7.65 -8.90
CA ALA C 137 23.74 8.01 -7.56
C ALA C 137 24.79 7.84 -6.46
N LEU C 138 25.57 6.75 -6.53
CA LEU C 138 26.69 6.51 -5.58
C LEU C 138 27.72 7.65 -5.63
N MET C 139 28.13 7.99 -6.84
CA MET C 139 29.06 9.09 -7.09
C MET C 139 28.53 10.36 -6.44
N ALA C 140 27.23 10.59 -6.57
CA ALA C 140 26.61 11.76 -6.07
C ALA C 140 26.57 11.73 -4.54
N MET C 141 26.13 10.59 -4.00
CA MET C 141 25.94 10.49 -2.57
C MET C 141 27.28 10.71 -1.85
N VAL C 142 28.35 10.13 -2.41
CA VAL C 142 29.69 10.25 -1.81
C VAL C 142 30.18 11.69 -1.86
N ASN C 143 29.97 12.38 -2.98
CA ASN C 143 30.30 13.80 -3.07
C ASN C 143 29.45 14.65 -2.13
N ILE C 144 28.17 14.31 -1.98
CA ILE C 144 27.25 15.05 -1.13
C ILE C 144 27.60 14.95 0.34
N LEU C 145 27.89 13.71 0.75
CA LEU C 145 28.28 13.41 2.12
C LEU C 145 29.66 14.04 2.40
N ALA C 146 30.70 13.67 1.64
CA ALA C 146 32.00 14.40 1.70
C ALA C 146 31.81 15.89 1.98
N GLU C 147 31.14 16.60 1.05
CA GLU C 147 30.84 18.04 1.18
C GLU C 147 30.06 18.43 2.45
N MET C 148 29.25 17.52 2.99
CA MET C 148 28.48 17.76 4.22
C MET C 148 29.34 17.72 5.50
N LYS C 149 30.33 16.81 5.50
CA LYS C 149 31.22 16.62 6.66
C LYS C 149 32.24 17.76 6.75
N ALA C 150 32.67 18.27 5.59
CA ALA C 150 33.52 19.46 5.51
C ALA C 150 32.80 20.72 6.03
N PHE C 151 31.54 20.88 5.63
CA PHE C 151 30.73 22.03 6.07
C PHE C 151 30.30 21.95 7.56
N GLN C 152 30.52 20.81 8.21
CA GLN C 152 30.25 20.64 9.64
C GLN C 152 31.52 20.77 10.48
#